data_2LHB
#
_entry.id   2LHB
#
_cell.length_a   44.570
_cell.length_b   96.620
_cell.length_c   31.340
_cell.angle_alpha   90.00
_cell.angle_beta   90.00
_cell.angle_gamma   90.00
#
_symmetry.space_group_name_H-M   'P 21 21 21'
#
loop_
_entity.id
_entity.type
_entity.pdbx_description
1 polymer 'HEMOGLOBIN V (CYANO MET)'
2 non-polymer 'CYANIDE ION'
3 non-polymer 'PROTOPORPHYRIN IX CONTAINING FE'
4 water water
#
_entity_poly.entity_id   1
_entity_poly.type   'polypeptide(L)'
_entity_poly.pdbx_seq_one_letter_code
;PIVDTGSVAPLSAAEKTKIRSAWAPVYSTYETSGVDILVKFFTSTPAAQEFFPKFKGLTTADELKKSADVRWHAERIINA
VDDAVASMDDTEKMSMKLRNLSGKHAKSFQVDPEYFKVLAAVIADTVAAGDAGFEKLMSMICILLRSAY
;
_entity_poly.pdbx_strand_id   A
#
# COMPACT_ATOMS: atom_id res chain seq x y z
N PRO A 1 8.49 5.65 11.52
CA PRO A 1 8.44 5.68 10.05
C PRO A 1 8.44 4.25 9.52
N ILE A 2 8.25 4.13 8.24
CA ILE A 2 8.18 2.83 7.57
C ILE A 2 9.52 2.42 7.03
N VAL A 3 9.91 1.18 7.29
CA VAL A 3 11.21 0.65 6.85
C VAL A 3 10.94 -0.58 5.99
N ASP A 4 11.88 -0.94 5.15
CA ASP A 4 11.67 -2.11 4.24
C ASP A 4 12.74 -3.16 4.44
N THR A 5 13.40 -3.08 5.58
CA THR A 5 14.48 -4.00 5.96
C THR A 5 14.48 -4.26 7.47
N GLY A 6 15.21 -5.31 7.79
CA GLY A 6 15.32 -5.73 9.20
C GLY A 6 14.10 -6.66 9.39
N SER A 7 13.71 -6.69 10.65
CA SER A 7 12.59 -7.53 11.12
C SER A 7 11.74 -6.62 11.98
N VAL A 8 10.46 -6.99 12.00
CA VAL A 8 9.45 -6.23 12.75
C VAL A 8 9.06 -7.05 13.97
N ALA A 9 8.84 -6.31 15.03
CA ALA A 9 8.40 -6.92 16.31
C ALA A 9 6.89 -7.16 16.11
N PRO A 10 6.42 -8.21 16.74
CA PRO A 10 5.02 -8.62 16.65
C PRO A 10 4.09 -7.53 17.10
N LEU A 11 2.87 -7.59 16.53
CA LEU A 11 1.83 -6.64 16.89
C LEU A 11 1.21 -7.20 18.22
N SER A 12 0.88 -6.24 19.01
CA SER A 12 0.28 -6.39 20.34
C SER A 12 -1.22 -6.27 20.09
N ALA A 13 -2.03 -6.81 20.99
CA ALA A 13 -3.49 -6.76 20.78
C ALA A 13 -3.99 -5.33 20.65
N ALA A 14 -3.30 -4.42 21.33
CA ALA A 14 -3.73 -3.01 21.25
C ALA A 14 -3.54 -2.49 19.81
N GLU A 15 -2.41 -2.87 19.22
CA GLU A 15 -2.09 -2.42 17.85
C GLU A 15 -3.08 -2.92 16.84
N LYS A 16 -3.33 -4.23 16.93
CA LYS A 16 -4.24 -4.98 16.07
C LYS A 16 -5.59 -4.27 16.11
N THR A 17 -6.06 -4.02 17.34
CA THR A 17 -7.31 -3.32 17.59
C THR A 17 -7.40 -1.97 16.89
N LYS A 18 -6.34 -1.15 17.08
CA LYS A 18 -6.41 0.18 16.43
C LYS A 18 -6.27 0.13 14.93
N ILE A 19 -5.41 -0.83 14.47
CA ILE A 19 -5.27 -0.96 12.99
C ILE A 19 -6.65 -1.23 12.39
N ARG A 20 -7.36 -2.14 13.01
CA ARG A 20 -8.67 -2.55 12.52
C ARG A 20 -9.73 -1.49 12.49
N SER A 21 -9.76 -0.63 13.49
CA SER A 21 -10.77 0.41 13.57
C SER A 21 -10.44 1.55 12.59
N ALA A 22 -9.18 1.82 12.43
CA ALA A 22 -8.70 2.88 11.50
C ALA A 22 -8.82 2.43 10.05
N TRP A 23 -8.67 1.17 9.77
CA TRP A 23 -8.71 0.61 8.42
C TRP A 23 -10.12 0.55 7.84
N ALA A 24 -11.06 0.21 8.68
CA ALA A 24 -12.48 0.04 8.37
C ALA A 24 -13.01 1.08 7.40
N PRO A 25 -12.99 2.32 7.84
CA PRO A 25 -13.53 3.41 7.02
C PRO A 25 -12.84 3.60 5.69
N VAL A 26 -11.54 3.33 5.65
CA VAL A 26 -10.76 3.48 4.40
C VAL A 26 -11.22 2.45 3.42
N TYR A 27 -11.38 1.23 3.86
CA TYR A 27 -11.81 0.11 3.04
C TYR A 27 -13.22 0.25 2.46
N SER A 28 -14.12 0.70 3.37
CA SER A 28 -15.52 0.84 2.96
C SER A 28 -15.71 1.99 1.99
N THR A 29 -14.82 2.94 1.98
CA THR A 29 -14.90 4.05 0.98
C THR A 29 -13.72 3.95 0.02
N ASP A 29 -14.87 2.99 2.10
CA ASP A 29 -14.78 4.09 1.12
C ASP A 29 -13.71 3.93 0.06
N TYR A 30 -13.38 2.75 -0.41
CA TYR A 30 -12.26 2.47 -1.30
C TYR A 30 -12.27 3.22 -2.60
N GLU A 31 -13.44 3.38 -3.21
CA GLU A 31 -13.57 4.11 -4.47
C GLU A 31 -13.08 5.54 -4.33
N THR A 32 -13.13 6.09 -3.15
CA THR A 32 -12.70 7.45 -2.85
C THR A 32 -11.30 7.55 -2.26
N SER A 33 -11.12 6.73 -1.23
CA SER A 33 -9.83 6.73 -0.52
C SER A 33 -8.70 6.23 -1.42
N GLY A 34 -9.00 5.23 -2.23
CA GLY A 34 -8.06 4.61 -3.15
C GLY A 34 -7.45 5.64 -4.13
N VAL A 35 -8.39 6.44 -4.65
CA VAL A 35 -7.97 7.50 -5.60
C VAL A 35 -7.09 8.51 -4.89
N ASP A 36 -7.54 8.94 -3.73
CA ASP A 36 -6.79 9.94 -2.94
C ASP A 36 -5.36 9.51 -2.71
N ILE A 37 -5.24 8.22 -2.34
CA ILE A 37 -3.87 7.73 -2.07
C ILE A 37 -2.94 7.83 -3.26
N LEU A 38 -3.37 7.44 -4.45
CA LEU A 38 -2.66 7.47 -5.71
C LEU A 38 -2.33 8.87 -6.20
N VAL A 39 -3.26 9.79 -6.06
CA VAL A 39 -3.10 11.20 -6.42
C VAL A 39 -1.97 11.74 -5.56
N LYS A 40 -2.09 11.53 -4.26
CA LYS A 40 -1.08 11.94 -3.30
C LYS A 40 0.27 11.32 -3.62
N PHE A 41 0.30 10.05 -3.91
CA PHE A 41 1.53 9.34 -4.25
C PHE A 41 2.26 9.97 -5.47
N PHE A 42 1.57 10.03 -6.58
CA PHE A 42 2.09 10.52 -7.84
C PHE A 42 2.38 12.00 -7.82
N THR A 43 1.69 12.79 -7.03
CA THR A 43 2.10 14.24 -7.16
C THR A 43 3.36 14.47 -6.37
N SER A 44 3.53 13.77 -5.25
CA SER A 44 4.75 13.96 -4.44
C SER A 44 5.89 13.10 -4.97
N THR A 45 5.60 12.03 -5.69
CA THR A 45 6.66 11.13 -6.19
C THR A 45 6.47 10.88 -7.67
N PRO A 46 6.75 11.93 -8.44
CA PRO A 46 6.55 11.88 -9.90
C PRO A 46 7.41 10.87 -10.61
N ALA A 47 8.57 10.54 -10.09
CA ALA A 47 9.42 9.51 -10.71
C ALA A 47 8.68 8.19 -10.84
N ALA A 48 7.89 7.94 -9.79
CA ALA A 48 7.15 6.68 -9.65
C ALA A 48 6.11 6.36 -10.69
N GLN A 49 5.48 7.40 -11.21
CA GLN A 49 4.42 7.31 -12.21
C GLN A 49 4.92 6.70 -13.52
N GLU A 50 6.18 6.81 -13.83
CA GLU A 50 6.75 6.28 -15.06
C GLU A 50 6.67 4.76 -15.13
N PHE A 51 6.49 4.11 -13.97
CA PHE A 51 6.44 2.66 -13.86
C PHE A 51 5.03 2.10 -14.18
N PHE A 52 4.13 2.97 -14.47
CA PHE A 52 2.73 2.81 -14.78
C PHE A 52 2.37 3.29 -16.20
N PRO A 53 2.36 2.33 -17.11
CA PRO A 53 2.10 2.61 -18.52
C PRO A 53 0.72 3.17 -18.78
N LYS A 54 -0.21 2.60 -18.05
CA LYS A 54 -1.64 2.92 -18.16
C LYS A 54 -1.96 4.35 -17.79
N PHE A 55 -1.11 5.01 -17.04
CA PHE A 55 -1.29 6.38 -16.57
C PHE A 55 -0.45 7.41 -17.32
N LYS A 56 0.04 7.01 -18.49
CA LYS A 56 0.86 7.92 -19.30
C LYS A 56 -0.14 8.96 -19.82
N GLY A 57 0.31 10.21 -19.78
CA GLY A 57 -0.57 11.29 -20.26
C GLY A 57 -1.39 11.90 -19.16
N LEU A 58 -1.32 11.39 -17.93
CA LEU A 58 -2.12 12.04 -16.83
C LEU A 58 -1.03 12.87 -16.16
N THR A 59 -1.04 14.14 -16.44
CA THR A 59 -0.06 15.09 -15.96
C THR A 59 -0.48 15.93 -14.78
N THR A 60 -1.74 15.96 -14.42
CA THR A 60 -2.28 16.74 -13.33
C THR A 60 -3.08 15.89 -12.32
N ALA A 61 -3.11 16.47 -11.13
CA ALA A 61 -3.82 15.90 -9.97
C ALA A 61 -5.27 15.67 -10.41
N ASP A 62 -5.79 16.70 -11.08
CA ASP A 62 -7.19 16.68 -11.54
C ASP A 62 -7.47 15.57 -12.55
N GLU A 63 -6.49 15.34 -13.42
CA GLU A 63 -6.60 14.30 -14.43
C GLU A 63 -6.56 12.91 -13.79
N LEU A 64 -5.66 12.80 -12.82
CA LEU A 64 -5.44 11.53 -12.06
C LEU A 64 -6.75 11.25 -11.30
N LYS A 65 -7.21 12.27 -10.60
CA LYS A 65 -8.41 12.17 -9.80
C LYS A 65 -9.62 11.64 -10.53
N LYS A 66 -9.73 11.99 -11.80
CA LYS A 66 -10.86 11.66 -12.67
C LYS A 66 -10.62 10.54 -13.64
N SER A 67 -9.45 9.93 -13.62
CA SER A 67 -9.23 8.82 -14.59
C SER A 67 -9.82 7.54 -14.04
N ALA A 68 -10.62 6.83 -14.80
CA ALA A 68 -11.20 5.57 -14.30
C ALA A 68 -10.08 4.54 -14.14
N ASP A 69 -9.02 4.70 -14.92
CA ASP A 69 -7.89 3.78 -14.90
C ASP A 69 -7.28 3.74 -13.49
N VAL A 70 -7.06 4.95 -13.02
CA VAL A 70 -6.51 5.15 -11.67
C VAL A 70 -7.53 4.55 -10.68
N ARG A 71 -8.81 4.85 -10.84
CA ARG A 71 -9.77 4.27 -9.84
C ARG A 71 -9.74 2.76 -9.78
N TRP A 72 -9.75 2.05 -10.92
CA TRP A 72 -9.76 0.59 -10.92
C TRP A 72 -8.48 0.00 -10.35
N HIS A 73 -7.38 0.64 -10.70
CA HIS A 73 -6.07 0.19 -10.18
C HIS A 73 -6.05 0.37 -8.67
N ALA A 74 -6.43 1.55 -8.19
CA ALA A 74 -6.42 1.85 -6.78
C ALA A 74 -7.19 0.84 -5.92
N GLU A 75 -8.28 0.30 -6.41
CA GLU A 75 -9.07 -0.69 -5.68
C GLU A 75 -8.28 -1.98 -5.48
N ARG A 76 -7.43 -2.33 -6.44
CA ARG A 76 -6.59 -3.54 -6.33
C ARG A 76 -5.59 -3.31 -5.21
N ILE A 77 -5.15 -2.09 -4.99
CA ILE A 77 -4.16 -1.77 -3.94
C ILE A 77 -4.87 -1.87 -2.58
N ILE A 78 -6.08 -1.34 -2.51
CA ILE A 78 -6.84 -1.40 -1.25
C ILE A 78 -7.18 -2.85 -0.93
N ASN A 79 -7.57 -3.58 -1.93
CA ASN A 79 -7.92 -4.98 -1.65
C ASN A 79 -6.69 -5.71 -1.13
N ALA A 80 -5.49 -5.36 -1.57
CA ALA A 80 -4.33 -6.12 -1.11
C ALA A 80 -4.01 -5.78 0.35
N VAL A 81 -4.12 -4.56 0.73
CA VAL A 81 -3.83 -4.16 2.09
C VAL A 81 -4.90 -4.83 2.99
N ASP A 82 -6.11 -4.81 2.47
CA ASP A 82 -7.24 -5.38 3.21
C ASP A 82 -6.91 -6.84 3.46
N ASP A 83 -6.29 -7.52 2.55
CA ASP A 83 -5.95 -8.95 2.73
C ASP A 83 -4.98 -9.15 3.90
N ALA A 84 -4.04 -8.25 3.99
CA ALA A 84 -3.01 -8.19 5.03
C ALA A 84 -3.66 -7.93 6.39
N VAL A 85 -4.53 -6.92 6.38
CA VAL A 85 -5.26 -6.59 7.62
C VAL A 85 -6.01 -7.83 8.13
N ALA A 86 -6.88 -8.39 7.38
CA ALA A 86 -7.69 -9.57 7.62
C ALA A 86 -6.90 -10.77 8.13
N SER A 87 -5.66 -10.91 7.76
CA SER A 87 -4.69 -11.94 8.02
C SER A 87 -3.59 -11.64 9.02
N MET A 88 -3.74 -10.63 9.84
CA MET A 88 -2.73 -10.26 10.81
C MET A 88 -2.42 -11.41 11.76
N ASP A 89 -3.42 -12.21 12.07
CA ASP A 89 -3.23 -13.30 13.04
C ASP A 89 -2.66 -14.58 12.43
N ASP A 90 -2.57 -14.63 11.14
CA ASP A 90 -2.14 -15.83 10.41
C ASP A 90 -0.98 -15.49 9.48
N THR A 91 0.16 -15.44 10.12
CA THR A 91 1.44 -15.11 9.44
C THR A 91 1.68 -15.92 8.20
N GLU A 92 1.27 -17.19 8.25
CA GLU A 92 1.46 -18.04 7.09
C GLU A 92 0.57 -17.55 5.97
N LYS A 93 -0.66 -17.18 6.23
CA LYS A 93 -1.52 -16.71 5.12
C LYS A 93 -0.99 -15.34 4.63
N MET A 94 -0.84 -14.42 5.54
CA MET A 94 -0.34 -13.08 5.22
C MET A 94 0.83 -13.17 4.24
N SER A 95 1.90 -13.82 4.67
CA SER A 95 3.13 -13.98 3.94
C SER A 95 3.05 -14.50 2.52
N MET A 96 2.24 -15.54 2.41
CA MET A 96 2.02 -16.29 1.15
C MET A 96 1.61 -15.39 -0.01
N LYS A 97 0.56 -14.61 0.26
CA LYS A 97 0.04 -13.72 -0.80
C LYS A 97 1.00 -12.58 -1.07
N LEU A 98 1.66 -12.07 -0.05
CA LEU A 98 2.59 -10.93 -0.24
C LEU A 98 3.85 -11.36 -0.97
N ARG A 99 4.29 -12.59 -0.68
CA ARG A 99 5.45 -13.11 -1.37
C ARG A 99 5.14 -13.21 -2.87
N ASN A 100 3.93 -13.60 -3.20
CA ASN A 100 3.40 -13.76 -4.57
C ASN A 100 3.43 -12.40 -5.31
N LEU A 101 3.00 -11.38 -4.56
CA LEU A 101 2.91 -10.00 -5.06
C LEU A 101 4.28 -9.43 -5.35
N SER A 102 5.23 -9.82 -4.51
CA SER A 102 6.63 -9.50 -4.59
C SER A 102 7.27 -9.97 -5.91
N GLY A 103 6.98 -11.22 -6.21
CA GLY A 103 7.46 -11.90 -7.42
C GLY A 103 6.88 -11.21 -8.65
N LYS A 104 5.60 -10.89 -8.60
CA LYS A 104 4.96 -10.21 -9.74
C LYS A 104 5.61 -8.84 -9.98
N HIS A 105 5.81 -8.09 -8.90
CA HIS A 105 6.42 -6.79 -8.97
C HIS A 105 7.86 -6.85 -9.46
N ALA A 106 8.65 -7.83 -9.12
CA ALA A 106 10.03 -7.83 -9.60
C ALA A 106 10.19 -8.41 -10.98
N LYS A 107 9.56 -9.53 -11.25
CA LYS A 107 9.74 -10.20 -12.55
C LYS A 107 8.74 -9.84 -13.61
N SER A 108 7.56 -9.40 -13.17
CA SER A 108 6.53 -9.08 -14.18
C SER A 108 6.44 -7.62 -14.55
N PHE A 109 6.29 -6.73 -13.60
CA PHE A 109 6.17 -5.28 -13.84
C PHE A 109 7.54 -4.61 -13.73
N GLN A 110 8.42 -5.36 -13.11
CA GLN A 110 9.79 -4.92 -12.87
C GLN A 110 9.90 -3.52 -12.29
N VAL A 111 9.29 -3.29 -11.17
CA VAL A 111 9.36 -1.92 -10.57
C VAL A 111 10.60 -1.79 -9.70
N ASP A 112 11.02 -0.57 -9.56
CA ASP A 112 12.14 -0.16 -8.71
C ASP A 112 11.50 -0.31 -7.31
N PRO A 113 12.10 -1.11 -6.48
CA PRO A 113 11.55 -1.37 -5.15
C PRO A 113 11.74 -0.26 -4.15
N GLU A 114 12.59 0.74 -4.44
CA GLU A 114 12.75 1.81 -3.45
C GLU A 114 11.39 2.47 -3.13
N TYR A 115 10.38 2.36 -4.00
CA TYR A 115 9.13 3.09 -3.84
C TYR A 115 8.11 2.45 -2.95
N PHE A 116 8.27 1.20 -2.66
CA PHE A 116 7.29 0.46 -1.82
C PHE A 116 7.04 1.22 -0.52
N LYS A 117 8.15 1.65 0.09
CA LYS A 117 8.03 2.36 1.40
C LYS A 117 7.43 3.75 1.30
N VAL A 118 7.51 4.36 0.13
CA VAL A 118 6.97 5.70 -0.14
C VAL A 118 5.43 5.59 -0.28
N LEU A 119 4.94 4.62 -1.04
CA LEU A 119 3.48 4.38 -1.22
C LEU A 119 2.86 4.00 0.14
N ALA A 120 3.51 3.04 0.79
CA ALA A 120 3.12 2.58 2.14
C ALA A 120 3.05 3.75 3.08
N ALA A 121 3.91 4.76 2.94
CA ALA A 121 3.82 5.93 3.82
C ALA A 121 2.58 6.76 3.49
N VAL A 122 2.17 6.87 2.23
CA VAL A 122 0.97 7.66 1.85
C VAL A 122 -0.28 6.96 2.43
N ILE A 123 -0.20 5.62 2.41
CA ILE A 123 -1.30 4.81 2.96
C ILE A 123 -1.43 5.05 4.47
N ALA A 124 -0.35 4.95 5.20
CA ALA A 124 -0.32 5.18 6.65
C ALA A 124 -0.76 6.61 6.96
N ASP A 125 -0.32 7.59 6.21
CA ASP A 125 -0.74 8.97 6.46
C ASP A 125 -2.25 9.09 6.29
N THR A 126 -2.83 8.37 5.33
CA THR A 126 -4.26 8.41 5.02
C THR A 126 -5.12 7.71 6.06
N VAL A 127 -4.60 6.56 6.48
CA VAL A 127 -5.28 5.74 7.46
C VAL A 127 -5.16 6.31 8.87
N ALA A 128 -3.96 6.57 9.30
CA ALA A 128 -3.79 7.04 10.69
C ALA A 128 -2.35 7.51 10.87
N ALA A 129 -2.20 8.76 10.51
CA ALA A 129 -0.94 9.51 10.54
C ALA A 129 -0.23 9.40 11.86
N GLY A 130 0.94 8.82 11.81
CA GLY A 130 1.83 8.64 12.96
C GLY A 130 1.49 7.47 13.84
N ASP A 131 0.44 6.71 13.56
CA ASP A 131 0.12 5.56 14.43
C ASP A 131 1.29 4.57 14.29
N ALA A 132 1.89 4.20 15.44
CA ALA A 132 3.02 3.25 15.36
C ALA A 132 2.60 1.85 14.93
N GLY A 133 1.41 1.46 15.33
CA GLY A 133 0.87 0.13 15.02
C GLY A 133 0.69 -0.05 13.52
N PHE A 134 0.09 0.98 12.93
CA PHE A 134 -0.13 0.97 11.45
C PHE A 134 1.18 0.98 10.68
N GLU A 135 2.16 1.75 11.10
CA GLU A 135 3.46 1.79 10.44
C GLU A 135 4.15 0.45 10.54
N LYS A 136 3.94 -0.34 11.61
CA LYS A 136 4.58 -1.65 11.69
C LYS A 136 4.00 -2.60 10.63
N LEU A 137 2.70 -2.58 10.49
CA LEU A 137 2.00 -3.46 9.50
C LEU A 137 2.53 -3.07 8.10
N MET A 138 2.60 -1.78 7.87
CA MET A 138 3.10 -1.26 6.59
C MET A 138 4.54 -1.67 6.41
N SER A 139 5.34 -1.69 7.46
CA SER A 139 6.74 -2.12 7.32
C SER A 139 6.81 -3.63 7.00
N MET A 140 5.92 -4.40 7.60
CA MET A 140 5.97 -5.87 7.33
C MET A 140 5.66 -6.09 5.84
N ILE A 141 4.73 -5.26 5.39
CA ILE A 141 4.27 -5.31 4.00
C ILE A 141 5.43 -5.05 3.02
N CYS A 142 6.15 -3.99 3.33
CA CYS A 142 7.31 -3.54 2.53
C CYS A 142 8.41 -4.59 2.57
N ILE A 143 8.63 -5.20 3.71
CA ILE A 143 9.72 -6.22 3.78
C ILE A 143 9.44 -7.38 2.85
N LEU A 144 8.22 -7.86 2.90
CA LEU A 144 7.69 -8.94 2.10
C LEU A 144 7.68 -8.60 0.61
N LEU A 145 7.33 -7.34 0.31
CA LEU A 145 7.32 -6.92 -1.11
C LEU A 145 8.69 -6.97 -1.78
N ARG A 146 9.71 -6.82 -0.94
CA ARG A 146 11.12 -6.84 -1.36
C ARG A 146 11.70 -8.23 -1.45
N SER A 147 11.00 -9.19 -0.87
CA SER A 147 11.43 -10.58 -0.79
C SER A 147 11.81 -11.23 -2.09
N ALA A 148 11.18 -11.00 -3.21
CA ALA A 148 11.51 -11.62 -4.50
C ALA A 148 12.61 -10.91 -5.27
N TYR A 149 13.17 -9.85 -4.79
CA TYR A 149 14.23 -9.08 -5.41
C TYR A 149 15.63 -9.60 -5.09
#